data_4Z2Y
#
_entry.id   4Z2Y
#
_cell.length_a   126.828
_cell.length_b   126.828
_cell.length_c   105.659
_cell.angle_alpha   90.00
_cell.angle_beta   90.00
_cell.angle_gamma   120.00
#
_symmetry.space_group_name_H-M   'H 3 2'
#
loop_
_entity.id
_entity.type
_entity.pdbx_description
1 polymer CalO6
2 non-polymer 'MERCURY (II) ION'
3 water water
#
_entity_poly.entity_id   1
_entity_poly.type   'polypeptide(L)'
_entity_poly.pdbx_seq_one_letter_code
;GSHMELTTTAARPGLRHRMQQLIYGFFTAQTLHVAVRLRIPDLLADGARDVGDLASATGADAPSLRRLLRALVFLEVLDE
PAPGTFALTEQGEVLRADVTGSMRELVLLLSGPESWAAWGQLEHSVRTGEVAWEHVHGRSCFDHLMADPQRQAAFNAAMA
EGSRAFVPTLLSAYDFGDLRTVVDVGGGSGALLAGVLAAHPHLRGTVFDTPDGVADAARTVAEQGVADRCGVETGDFFVS
VPPGADAYVLKSVLHDWDDEQCVEVLRTVRRAVRPDSRVILVESLMPTTVTTAPSVAQVVMNDLNMMVCHGGRERTVAEF
RELLRVAGFRLESVTPCPAPSVVGILEAAPAPATGPDGS
;
_entity_poly.pdbx_strand_id   A
#
# COMPACT_ATOMS: atom_id res chain seq x y z
N GLY A 14 -7.50 -26.82 21.26
CA GLY A 14 -6.91 -25.59 21.85
C GLY A 14 -5.80 -24.99 21.00
N LEU A 15 -4.69 -25.71 20.91
CA LEU A 15 -3.53 -25.30 20.10
C LEU A 15 -3.69 -25.77 18.65
N ARG A 16 -4.04 -27.04 18.47
CA ARG A 16 -4.36 -27.60 17.15
C ARG A 16 -5.28 -26.66 16.39
N HIS A 17 -6.39 -26.28 17.05
CA HIS A 17 -7.33 -25.25 16.58
C HIS A 17 -6.62 -24.10 15.86
N ARG A 18 -5.58 -23.56 16.49
CA ARG A 18 -4.80 -22.45 15.92
C ARG A 18 -4.05 -22.93 14.68
N MET A 19 -3.33 -24.04 14.82
CA MET A 19 -2.49 -24.57 13.75
C MET A 19 -3.30 -24.89 12.50
N GLN A 20 -4.38 -25.66 12.65
CA GLN A 20 -5.30 -25.93 11.54
C GLN A 20 -5.78 -24.62 10.96
N GLN A 21 -6.35 -23.76 11.80
CA GLN A 21 -6.82 -22.43 11.38
C GLN A 21 -5.76 -21.67 10.60
N LEU A 22 -4.49 -21.79 11.01
CA LEU A 22 -3.36 -21.22 10.25
C LEU A 22 -3.08 -22.00 8.94
N ILE A 23 -3.02 -23.32 9.05
CA ILE A 23 -2.70 -24.21 7.92
C ILE A 23 -3.82 -24.26 6.85
N TYR A 24 -5.07 -24.00 7.24
CA TYR A 24 -6.22 -24.04 6.31
C TYR A 24 -6.56 -22.68 5.66
N GLY A 25 -5.54 -21.85 5.44
CA GLY A 25 -5.74 -20.50 4.91
C GLY A 25 -6.26 -20.43 3.48
N PHE A 26 -5.95 -21.44 2.67
CA PHE A 26 -6.46 -21.48 1.31
C PHE A 26 -7.98 -21.46 1.31
N PHE A 27 -8.57 -22.36 2.10
CA PHE A 27 -10.04 -22.40 2.29
C PHE A 27 -10.58 -21.01 2.57
N THR A 28 -10.15 -20.46 3.70
CA THR A 28 -10.60 -19.15 4.18
C THR A 28 -10.43 -18.11 3.08
N ALA A 29 -9.24 -18.09 2.48
CA ALA A 29 -8.89 -17.15 1.42
C ALA A 29 -9.81 -17.23 0.20
N GLN A 30 -9.99 -18.45 -0.31
CA GLN A 30 -10.74 -18.64 -1.55
C GLN A 30 -12.21 -18.29 -1.39
N THR A 31 -12.85 -18.86 -0.36
CA THR A 31 -14.30 -18.74 -0.14
C THR A 31 -14.83 -17.31 -0.19
N LEU A 32 -14.09 -16.38 0.42
CA LEU A 32 -14.47 -14.98 0.44
C LEU A 32 -14.44 -14.38 -0.97
N HIS A 33 -13.33 -14.57 -1.68
CA HIS A 33 -13.20 -14.08 -3.06
C HIS A 33 -14.38 -14.54 -3.90
N VAL A 34 -14.65 -15.84 -3.85
CA VAL A 34 -15.69 -16.43 -4.70
C VAL A 34 -17.13 -16.11 -4.24
N ALA A 35 -17.27 -15.51 -3.05
CA ALA A 35 -18.56 -14.99 -2.57
C ALA A 35 -18.89 -13.62 -3.17
N VAL A 36 -17.91 -12.72 -3.11
CA VAL A 36 -18.00 -11.44 -3.81
C VAL A 36 -17.89 -11.56 -5.33
N ARG A 37 -17.33 -12.67 -5.82
CA ARG A 37 -17.16 -12.91 -7.27
C ARG A 37 -18.48 -12.80 -8.06
N LEU A 38 -19.59 -13.19 -7.43
CA LEU A 38 -20.93 -12.89 -7.94
C LEU A 38 -21.69 -12.11 -6.85
N ARG A 39 -21.02 -11.05 -6.39
CA ARG A 39 -21.39 -10.23 -5.23
C ARG A 39 -22.66 -10.66 -4.49
N ILE A 40 -22.52 -11.78 -3.80
CA ILE A 40 -23.52 -12.32 -2.87
C ILE A 40 -23.98 -11.25 -1.87
N PRO A 41 -23.04 -10.58 -1.19
CA PRO A 41 -23.45 -9.61 -0.17
C PRO A 41 -24.48 -8.60 -0.65
N ASP A 42 -24.31 -8.14 -1.89
CA ASP A 42 -25.17 -7.10 -2.48
C ASP A 42 -26.63 -7.52 -2.58
N LEU A 43 -26.85 -8.82 -2.80
CA LEU A 43 -28.19 -9.38 -2.78
C LEU A 43 -28.80 -9.26 -1.38
N LEU A 44 -27.99 -9.53 -0.36
CA LEU A 44 -28.43 -9.51 1.06
C LEU A 44 -28.27 -8.16 1.78
N ALA A 45 -27.85 -7.11 1.08
CA ALA A 45 -27.72 -5.76 1.67
C ALA A 45 -29.07 -5.21 2.10
N ASP A 46 -30.04 -5.32 1.18
CA ASP A 46 -31.45 -5.05 1.46
C ASP A 46 -32.05 -6.31 2.07
N GLY A 47 -31.98 -7.42 1.33
CA GLY A 47 -32.40 -8.73 1.83
C GLY A 47 -32.60 -9.78 0.74
N ALA A 48 -32.26 -11.04 1.07
CA ALA A 48 -32.48 -12.18 0.16
C ALA A 48 -32.45 -13.49 0.94
N ARG A 49 -33.30 -14.45 0.55
CA ARG A 49 -33.54 -15.66 1.33
C ARG A 49 -33.52 -16.92 0.47
N ASP A 50 -33.40 -18.07 1.13
CA ASP A 50 -33.30 -19.39 0.48
C ASP A 50 -32.05 -19.48 -0.41
N VAL A 51 -31.63 -20.70 -0.73
CA VAL A 51 -30.62 -20.92 -1.77
C VAL A 51 -31.27 -20.79 -3.17
N GLY A 52 -32.58 -21.04 -3.27
CA GLY A 52 -33.30 -21.05 -4.54
C GLY A 52 -33.47 -19.70 -5.21
N ASP A 53 -33.89 -18.70 -4.43
CA ASP A 53 -33.95 -17.30 -4.90
C ASP A 53 -32.54 -16.77 -5.19
N LEU A 54 -31.59 -17.21 -4.38
CA LEU A 54 -30.19 -16.86 -4.55
C LEU A 54 -29.65 -17.44 -5.87
N ALA A 55 -29.85 -18.73 -6.07
CA ALA A 55 -29.29 -19.47 -7.22
C ALA A 55 -29.80 -19.03 -8.60
N SER A 56 -30.99 -18.42 -8.65
CA SER A 56 -31.52 -17.84 -9.87
C SER A 56 -30.59 -16.74 -10.41
N ALA A 57 -30.22 -15.81 -9.52
CA ALA A 57 -29.35 -14.69 -9.86
C ALA A 57 -27.87 -14.99 -9.62
N THR A 58 -27.38 -16.09 -10.21
CA THR A 58 -25.98 -16.52 -10.08
C THR A 58 -25.49 -17.34 -11.27
N GLY A 59 -26.17 -18.47 -11.51
CA GLY A 59 -25.65 -19.57 -12.31
C GLY A 59 -25.26 -20.65 -11.31
N ALA A 60 -24.16 -21.34 -11.59
CA ALA A 60 -23.58 -22.32 -10.66
C ALA A 60 -24.52 -23.50 -10.35
N ASP A 61 -24.22 -24.25 -9.29
CA ASP A 61 -25.18 -25.21 -8.73
C ASP A 61 -26.07 -24.50 -7.72
N ALA A 62 -27.03 -25.23 -7.16
CA ALA A 62 -27.87 -24.73 -6.05
C ALA A 62 -27.63 -25.55 -4.78
N PRO A 63 -27.78 -26.89 -4.84
CA PRO A 63 -27.36 -27.69 -3.66
C PRO A 63 -25.84 -27.97 -3.52
N SER A 64 -25.02 -27.49 -4.47
CA SER A 64 -23.56 -27.40 -4.25
C SER A 64 -23.06 -25.95 -4.22
N LEU A 65 -24.00 -25.00 -4.12
CA LEU A 65 -23.73 -23.61 -3.72
C LEU A 65 -24.04 -23.45 -2.24
N ARG A 66 -25.14 -24.06 -1.79
CA ARG A 66 -25.39 -24.29 -0.36
C ARG A 66 -24.09 -24.56 0.39
N ARG A 67 -23.28 -25.46 -0.15
CA ARG A 67 -21.93 -25.78 0.37
C ARG A 67 -20.93 -24.65 0.12
N LEU A 68 -21.17 -23.49 0.74
CA LEU A 68 -20.40 -22.26 0.49
C LEU A 68 -21.01 -21.16 1.34
N LEU A 69 -22.34 -21.02 1.23
CA LEU A 69 -23.16 -20.26 2.17
C LEU A 69 -22.85 -20.68 3.61
N ARG A 70 -22.88 -21.99 3.83
CA ARG A 70 -22.41 -22.60 5.06
C ARG A 70 -20.99 -22.11 5.40
N ALA A 71 -20.05 -22.36 4.49
CA ALA A 71 -18.64 -21.97 4.68
C ALA A 71 -18.47 -20.49 5.05
N LEU A 72 -19.24 -19.63 4.37
CA LEU A 72 -19.29 -18.21 4.70
C LEU A 72 -19.83 -18.02 6.11
N VAL A 73 -21.02 -18.55 6.33
CA VAL A 73 -21.67 -18.46 7.63
C VAL A 73 -20.71 -18.96 8.73
N PHE A 74 -19.95 -20.02 8.44
CA PHE A 74 -18.93 -20.52 9.37
C PHE A 74 -17.83 -19.48 9.61
N LEU A 75 -17.27 -18.95 8.52
CA LEU A 75 -16.26 -17.90 8.60
C LEU A 75 -16.83 -16.58 9.13
N GLU A 76 -18.14 -16.54 9.40
CA GLU A 76 -18.84 -15.50 10.16
C GLU A 76 -19.17 -14.27 9.31
N VAL A 77 -18.87 -14.34 8.03
CA VAL A 77 -19.17 -13.27 7.07
C VAL A 77 -20.68 -13.18 6.83
N LEU A 78 -21.34 -14.34 6.80
CA LEU A 78 -22.81 -14.45 6.80
C LEU A 78 -23.33 -15.07 8.11
N ASP A 79 -24.66 -15.16 8.24
CA ASP A 79 -25.29 -15.93 9.32
C ASP A 79 -26.73 -16.34 8.99
N GLU A 80 -26.95 -17.64 8.78
CA GLU A 80 -28.29 -18.19 8.59
C GLU A 80 -29.07 -18.04 9.89
N PRO A 81 -30.13 -17.20 9.89
CA PRO A 81 -30.90 -17.03 11.13
C PRO A 81 -31.86 -18.18 11.39
N ALA A 82 -32.55 -18.62 10.35
CA ALA A 82 -33.52 -19.72 10.43
C ALA A 82 -33.19 -20.74 9.34
N PRO A 83 -33.58 -22.02 9.55
CA PRO A 83 -33.27 -23.15 8.65
C PRO A 83 -33.12 -22.79 7.15
N GLY A 84 -31.94 -23.07 6.60
CA GLY A 84 -31.63 -22.72 5.22
C GLY A 84 -31.40 -21.22 5.06
N THR A 85 -32.51 -20.47 4.92
CA THR A 85 -32.49 -19.01 4.68
C THR A 85 -31.43 -18.23 5.44
N PHE A 86 -30.75 -17.31 4.75
CA PHE A 86 -29.55 -16.64 5.29
C PHE A 86 -29.53 -15.11 5.17
N ALA A 87 -28.84 -14.48 6.14
CA ALA A 87 -28.56 -13.05 6.20
C ALA A 87 -27.04 -12.89 6.08
N LEU A 88 -26.53 -11.66 6.23
CA LEU A 88 -25.08 -11.46 6.39
C LEU A 88 -24.70 -10.52 7.55
N THR A 89 -23.44 -10.65 7.96
CA THR A 89 -22.90 -9.98 9.15
C THR A 89 -22.31 -8.62 8.76
N GLU A 90 -22.00 -7.79 9.76
CA GLU A 90 -21.35 -6.49 9.55
C GLU A 90 -19.89 -6.59 9.06
N GLN A 91 -19.29 -7.77 9.21
CA GLN A 91 -18.05 -8.11 8.52
C GLN A 91 -18.35 -8.32 7.03
N GLY A 92 -19.37 -9.12 6.74
CA GLY A 92 -19.86 -9.28 5.37
C GLY A 92 -20.43 -8.02 4.71
N GLU A 93 -20.73 -7.01 5.52
CA GLU A 93 -21.04 -5.66 5.01
C GLU A 93 -19.87 -5.01 4.25
N VAL A 94 -18.62 -5.36 4.60
CA VAL A 94 -17.42 -4.77 3.98
C VAL A 94 -17.17 -5.15 2.51
N LEU A 95 -18.00 -6.05 1.99
CA LEU A 95 -17.76 -6.72 0.72
C LEU A 95 -18.71 -6.29 -0.42
N ARG A 96 -19.44 -5.18 -0.22
CA ARG A 96 -20.45 -4.73 -1.17
C ARG A 96 -19.87 -3.82 -2.28
N ALA A 97 -19.12 -2.81 -1.84
CA ALA A 97 -18.47 -1.74 -2.65
C ALA A 97 -18.87 -0.38 -2.10
N ASP A 98 -18.66 -0.20 -0.79
CA ASP A 98 -19.21 0.92 -0.02
C ASP A 98 -18.30 1.19 1.19
N VAL A 99 -18.18 2.47 1.57
CA VAL A 99 -17.19 3.01 2.54
C VAL A 99 -15.76 2.45 2.41
N THR A 100 -15.57 1.19 2.80
CA THR A 100 -14.28 0.49 2.67
C THR A 100 -14.21 -0.20 1.30
N GLY A 101 -15.23 -1.00 0.99
CA GLY A 101 -15.26 -1.81 -0.22
C GLY A 101 -14.10 -2.79 -0.21
N SER A 102 -13.94 -3.49 0.91
CA SER A 102 -12.83 -4.42 1.11
C SER A 102 -13.14 -5.75 0.40
N MET A 103 -13.14 -5.69 -0.93
CA MET A 103 -13.55 -6.79 -1.83
C MET A 103 -12.79 -6.76 -3.16
N ARG A 104 -12.46 -5.56 -3.64
CA ARG A 104 -11.37 -5.34 -4.57
C ARG A 104 -10.11 -6.00 -4.03
N GLU A 105 -9.84 -5.79 -2.74
CA GLU A 105 -8.73 -6.43 -2.02
C GLU A 105 -8.72 -7.94 -2.27
N LEU A 106 -9.82 -8.60 -1.92
CA LEU A 106 -9.95 -10.06 -2.08
C LEU A 106 -9.89 -10.50 -3.55
N VAL A 107 -10.48 -9.71 -4.44
CA VAL A 107 -10.54 -10.02 -5.87
C VAL A 107 -9.15 -10.12 -6.52
N LEU A 108 -8.29 -9.14 -6.21
CA LEU A 108 -6.90 -9.16 -6.68
C LEU A 108 -6.02 -10.18 -5.91
N LEU A 109 -6.37 -10.45 -4.66
CA LEU A 109 -5.63 -11.42 -3.83
C LEU A 109 -6.30 -12.80 -3.90
N LEU A 110 -6.44 -13.32 -5.12
CA LEU A 110 -7.23 -14.56 -5.35
C LEU A 110 -7.35 -14.97 -6.81
N SER A 111 -7.37 -13.98 -7.71
CA SER A 111 -7.15 -14.20 -9.14
C SER A 111 -5.71 -14.68 -9.37
N GLY A 112 -5.52 -15.43 -10.46
CA GLY A 112 -4.25 -16.11 -10.80
C GLY A 112 -3.00 -15.25 -10.73
N PRO A 113 -3.14 -13.96 -11.05
CA PRO A 113 -2.15 -12.90 -10.89
C PRO A 113 -1.47 -12.93 -9.51
N GLU A 114 -2.28 -13.08 -8.45
CA GLU A 114 -1.78 -13.18 -7.06
C GLU A 114 -1.81 -14.62 -6.52
N SER A 115 -2.99 -15.24 -6.54
CA SER A 115 -3.23 -16.55 -5.89
C SER A 115 -2.41 -17.70 -6.49
N TRP A 116 -2.37 -17.76 -7.82
CA TRP A 116 -1.60 -18.78 -8.54
C TRP A 116 -0.10 -18.51 -8.46
N ALA A 117 0.27 -17.22 -8.41
CA ALA A 117 1.67 -16.80 -8.27
C ALA A 117 2.28 -17.26 -6.94
N ALA A 118 1.53 -17.05 -5.86
CA ALA A 118 1.97 -17.45 -4.52
C ALA A 118 2.09 -18.97 -4.34
N TRP A 119 1.37 -19.74 -5.15
CA TRP A 119 1.44 -21.20 -5.15
C TRP A 119 2.88 -21.74 -5.10
N GLY A 120 3.73 -21.22 -5.98
CA GLY A 120 5.15 -21.62 -6.04
C GLY A 120 6.11 -20.60 -5.46
N GLN A 121 5.65 -19.84 -4.46
CA GLN A 121 6.43 -18.75 -3.88
C GLN A 121 7.61 -19.23 -3.03
N LEU A 122 7.50 -20.45 -2.50
CA LEU A 122 8.59 -21.09 -1.76
C LEU A 122 9.93 -20.97 -2.49
N GLU A 123 9.89 -21.24 -3.79
CA GLU A 123 11.06 -21.09 -4.65
C GLU A 123 11.75 -19.73 -4.46
N HIS A 124 10.97 -18.65 -4.45
CA HIS A 124 11.50 -17.30 -4.27
C HIS A 124 12.23 -17.12 -2.94
N SER A 125 11.79 -17.86 -1.91
CA SER A 125 12.50 -17.94 -0.63
C SER A 125 13.86 -18.65 -0.82
N VAL A 126 13.88 -19.68 -1.66
CA VAL A 126 15.15 -20.31 -2.06
C VAL A 126 16.01 -19.36 -2.91
N ARG A 127 15.37 -18.66 -3.83
CA ARG A 127 16.03 -17.73 -4.75
C ARG A 127 15.94 -16.30 -4.24
N ALA A 165 -5.52 6.21 -2.55
CA ALA A 165 -4.82 7.41 -2.97
C ALA A 165 -4.25 8.16 -1.77
N PHE A 166 -3.12 7.67 -1.26
CA PHE A 166 -2.46 8.26 -0.08
C PHE A 166 -1.88 9.64 -0.40
N VAL A 167 -1.94 10.52 0.60
CA VAL A 167 -1.48 11.91 0.52
C VAL A 167 -1.22 12.42 1.95
N PRO A 168 0.01 12.26 2.46
CA PRO A 168 0.36 12.80 3.78
C PRO A 168 0.23 14.32 4.00
N THR A 169 -0.71 14.69 4.88
CA THR A 169 -0.67 15.95 5.65
C THR A 169 0.18 15.73 6.93
N LEU A 170 0.49 14.47 7.22
CA LEU A 170 1.56 14.08 8.16
C LEU A 170 2.88 14.82 7.88
N LEU A 171 3.20 14.96 6.59
CA LEU A 171 4.34 15.78 6.15
C LEU A 171 4.27 17.26 6.56
N SER A 172 3.07 17.75 6.89
CA SER A 172 2.92 19.01 7.64
C SER A 172 3.02 18.82 9.17
N ALA A 173 3.84 17.85 9.60
CA ALA A 173 4.48 17.85 10.90
C ALA A 173 6.02 17.82 10.80
N TYR A 174 6.59 17.53 9.62
CA TYR A 174 8.01 17.78 9.34
C TYR A 174 8.33 19.28 9.35
N ASP A 175 7.43 20.06 8.73
CA ASP A 175 7.52 21.52 8.64
C ASP A 175 8.61 21.99 7.68
N PHE A 176 8.16 22.58 6.57
CA PHE A 176 9.01 23.20 5.56
C PHE A 176 9.11 24.69 5.91
N GLY A 177 9.16 24.99 7.20
CA GLY A 177 8.78 26.31 7.70
C GLY A 177 9.85 27.38 7.69
N ASP A 178 10.98 27.08 7.04
CA ASP A 178 11.98 28.10 6.68
C ASP A 178 12.46 27.90 5.24
N LEU A 179 11.67 27.19 4.42
CA LEU A 179 12.15 26.62 3.16
C LEU A 179 11.68 27.39 1.93
N ARG A 180 12.53 27.38 0.90
CA ARG A 180 12.28 28.04 -0.39
C ARG A 180 12.09 27.06 -1.54
N THR A 181 13.01 26.13 -1.69
CA THR A 181 12.98 25.13 -2.78
C THR A 181 12.80 23.72 -2.24
N VAL A 182 12.23 22.85 -3.07
CA VAL A 182 12.17 21.42 -2.81
C VAL A 182 12.32 20.71 -4.16
N VAL A 183 12.54 19.40 -4.13
CA VAL A 183 12.57 18.58 -5.34
C VAL A 183 12.07 17.16 -5.05
N ASP A 184 10.79 16.93 -5.37
CA ASP A 184 10.16 15.61 -5.20
C ASP A 184 10.72 14.60 -6.22
N VAL A 185 11.47 13.63 -5.72
CA VAL A 185 12.10 12.60 -6.54
C VAL A 185 11.05 11.56 -6.90
N GLY A 186 10.77 11.42 -8.20
CA GLY A 186 9.81 10.43 -8.68
C GLY A 186 8.41 10.64 -8.17
N GLY A 187 7.97 11.90 -8.15
CA GLY A 187 6.63 12.26 -7.72
C GLY A 187 5.53 11.51 -8.44
N GLY A 188 5.41 11.75 -9.75
CA GLY A 188 4.42 11.08 -10.60
C GLY A 188 3.06 11.75 -10.61
N SER A 189 2.25 11.48 -9.58
CA SER A 189 0.83 11.93 -9.54
C SER A 189 0.64 13.43 -9.21
N GLY A 190 1.60 14.02 -8.50
CA GLY A 190 1.48 15.43 -8.04
C GLY A 190 0.57 15.54 -6.83
N ALA A 191 0.72 14.61 -5.90
CA ALA A 191 -0.20 14.45 -4.78
C ALA A 191 0.30 15.28 -3.60
N LEU A 192 1.50 14.98 -3.14
CA LEU A 192 2.16 15.75 -2.08
C LEU A 192 2.53 17.13 -2.60
N LEU A 193 3.27 17.13 -3.70
CA LEU A 193 3.75 18.35 -4.37
C LEU A 193 2.68 19.43 -4.30
N ALA A 194 1.47 19.09 -4.75
CA ALA A 194 0.30 19.96 -4.64
C ALA A 194 0.08 20.41 -3.19
N GLY A 195 -0.30 19.47 -2.33
CA GLY A 195 -0.61 19.78 -0.94
C GLY A 195 0.43 20.61 -0.20
N VAL A 196 1.69 20.32 -0.47
CA VAL A 196 2.82 20.95 0.21
C VAL A 196 3.14 22.36 -0.31
N LEU A 197 3.11 22.55 -1.64
CA LEU A 197 3.26 23.89 -2.22
C LEU A 197 1.95 24.66 -2.17
N ALA A 198 0.85 23.94 -2.00
CA ALA A 198 -0.40 24.57 -1.63
C ALA A 198 -0.30 25.07 -0.19
N ALA A 199 0.18 24.20 0.69
CA ALA A 199 0.31 24.51 2.12
C ALA A 199 1.14 25.76 2.36
N HIS A 200 2.38 25.76 1.86
CA HIS A 200 3.33 26.85 2.08
C HIS A 200 3.35 27.76 0.85
N PRO A 201 2.66 28.92 0.91
CA PRO A 201 2.54 29.74 -0.31
C PRO A 201 3.83 30.25 -0.96
N HIS A 202 4.94 30.32 -0.21
CA HIS A 202 6.21 30.87 -0.72
C HIS A 202 7.21 29.81 -1.23
N LEU A 203 7.08 28.55 -0.77
CA LEU A 203 7.99 27.46 -1.22
C LEU A 203 7.72 27.07 -2.66
N ARG A 204 8.77 26.66 -3.39
CA ARG A 204 8.65 26.17 -4.78
C ARG A 204 9.33 24.81 -4.97
N GLY A 205 9.00 24.12 -6.07
CA GLY A 205 9.36 22.71 -6.24
C GLY A 205 9.49 22.16 -7.66
N THR A 206 9.90 20.88 -7.72
CA THR A 206 10.23 20.17 -8.98
C THR A 206 9.83 18.68 -8.86
N VAL A 207 9.57 18.04 -10.01
CA VAL A 207 9.31 16.59 -10.10
C VAL A 207 10.16 15.97 -11.25
N PHE A 208 10.46 14.67 -11.18
CA PHE A 208 10.92 13.90 -12.36
C PHE A 208 10.51 12.42 -12.35
N ASP A 209 9.61 12.08 -13.27
CA ASP A 209 9.12 10.71 -13.47
C ASP A 209 8.92 10.51 -14.98
N THR A 210 9.11 9.28 -15.46
CA THR A 210 8.82 8.94 -16.86
C THR A 210 7.30 8.92 -17.04
N PRO A 211 6.80 9.43 -18.19
CA PRO A 211 5.38 9.22 -18.52
C PRO A 211 5.01 7.74 -18.66
N ASP A 212 3.73 7.42 -18.43
CA ASP A 212 3.22 6.04 -18.32
C ASP A 212 3.59 5.41 -16.95
N GLY A 213 3.72 6.26 -15.93
CA GLY A 213 3.94 5.84 -14.55
C GLY A 213 3.14 6.75 -13.63
N VAL A 214 1.81 6.72 -13.82
CA VAL A 214 0.83 7.65 -13.23
C VAL A 214 1.26 9.14 -13.30
N ALA A 215 1.65 9.56 -14.51
CA ALA A 215 2.10 10.93 -14.79
C ALA A 215 0.93 11.82 -15.26
N ASP A 216 -0.16 11.84 -14.48
CA ASP A 216 -1.33 12.70 -14.75
C ASP A 216 -1.22 13.94 -13.85
N ALA A 217 -0.10 14.65 -14.00
CA ALA A 217 0.16 15.89 -13.25
C ALA A 217 -0.64 17.05 -13.85
N ALA A 218 -0.70 17.06 -15.19
CA ALA A 218 -1.50 17.99 -16.02
C ALA A 218 -2.50 18.91 -15.29
N ARG A 219 -3.43 18.31 -14.55
CA ARG A 219 -4.49 19.04 -13.87
C ARG A 219 -4.53 18.66 -12.39
N THR A 220 -3.36 18.77 -11.73
CA THR A 220 -3.20 18.51 -10.28
C THR A 220 -2.14 19.41 -9.60
N VAL A 221 -0.97 19.60 -10.22
CA VAL A 221 -0.08 20.71 -9.86
C VAL A 221 -0.77 21.99 -10.30
N ALA A 222 -1.36 21.97 -11.49
CA ALA A 222 -2.18 23.09 -11.99
C ALA A 222 -3.46 23.27 -11.18
N GLU A 223 -4.32 22.25 -11.20
CA GLU A 223 -5.54 22.28 -10.39
C GLU A 223 -5.16 22.41 -8.94
N GLN A 224 -5.74 23.41 -8.27
CA GLN A 224 -5.52 23.69 -6.86
C GLN A 224 -4.24 24.51 -6.66
N GLY A 225 -4.18 25.65 -7.36
CA GLY A 225 -3.37 26.80 -6.96
C GLY A 225 -1.91 26.96 -7.35
N VAL A 226 -1.18 25.85 -7.50
CA VAL A 226 0.27 25.91 -7.70
C VAL A 226 0.56 26.11 -9.20
N ALA A 227 0.28 27.33 -9.69
CA ALA A 227 0.41 27.67 -11.11
C ALA A 227 1.90 27.74 -11.45
N ASP A 228 2.61 28.60 -10.73
CA ASP A 228 4.08 28.56 -10.71
C ASP A 228 4.49 27.32 -9.91
N ARG A 229 5.80 27.10 -9.82
CA ARG A 229 6.36 26.08 -8.93
C ARG A 229 5.98 24.64 -9.33
N CYS A 230 5.83 24.40 -10.64
CA CYS A 230 5.75 23.06 -11.18
C CYS A 230 7.18 22.58 -11.46
N GLY A 231 7.92 23.39 -12.21
CA GLY A 231 9.33 23.14 -12.55
C GLY A 231 9.63 21.72 -13.00
N VAL A 232 8.66 21.11 -13.67
CA VAL A 232 8.65 19.66 -13.91
C VAL A 232 9.71 19.21 -14.91
N GLU A 233 10.31 18.05 -14.63
CA GLU A 233 11.30 17.38 -15.49
C GLU A 233 10.74 16.00 -15.90
N THR A 234 11.54 15.19 -16.57
CA THR A 234 11.13 13.83 -16.97
C THR A 234 12.24 12.81 -16.71
N GLY A 235 11.94 11.55 -16.98
CA GLY A 235 12.94 10.48 -16.97
C GLY A 235 12.99 9.66 -15.68
N ASP A 236 13.86 8.66 -15.69
CA ASP A 236 13.99 7.70 -14.59
C ASP A 236 14.73 8.34 -13.40
N PHE A 237 14.79 7.59 -12.31
CA PHE A 237 15.59 7.96 -11.13
C PHE A 237 17.00 7.37 -11.25
N PHE A 238 17.18 6.47 -12.22
CA PHE A 238 18.46 5.84 -12.51
C PHE A 238 19.42 6.83 -13.18
N VAL A 239 18.85 7.83 -13.86
CA VAL A 239 19.61 8.98 -14.35
C VAL A 239 20.13 9.81 -13.15
N SER A 240 21.34 10.33 -13.31
CA SER A 240 21.93 11.25 -12.33
C SER A 240 21.11 12.55 -12.27
N VAL A 241 20.53 12.86 -11.11
CA VAL A 241 19.49 13.90 -11.01
C VAL A 241 20.09 15.33 -11.05
N PRO A 242 19.72 16.14 -12.08
CA PRO A 242 20.34 17.47 -12.20
C PRO A 242 20.01 18.51 -11.10
N PRO A 243 18.88 18.35 -10.38
CA PRO A 243 18.65 19.30 -9.28
C PRO A 243 19.71 19.27 -8.17
N GLY A 244 20.12 20.47 -7.77
CA GLY A 244 20.86 20.73 -6.54
C GLY A 244 20.13 21.84 -5.79
N ALA A 245 18.86 21.59 -5.44
CA ALA A 245 17.96 22.64 -4.91
C ALA A 245 17.22 22.25 -3.60
N ASP A 246 17.68 22.84 -2.49
CA ASP A 246 17.23 22.54 -1.10
C ASP A 246 16.88 21.07 -0.76
N ALA A 247 15.59 20.77 -0.58
CA ALA A 247 15.15 19.52 0.07
C ALA A 247 14.66 18.47 -0.93
N TYR A 248 14.84 17.21 -0.60
CA TYR A 248 14.57 16.08 -1.50
C TYR A 248 13.57 15.11 -0.88
N VAL A 249 12.54 14.72 -1.63
CA VAL A 249 11.39 13.94 -1.11
C VAL A 249 11.17 12.65 -1.91
N LEU A 250 11.07 11.52 -1.20
CA LEU A 250 10.85 10.19 -1.81
C LEU A 250 9.71 9.45 -1.06
N LYS A 251 8.55 9.31 -1.69
CA LYS A 251 7.37 8.73 -1.01
C LYS A 251 7.22 7.23 -1.27
N SER A 252 6.97 6.48 -0.18
CA SER A 252 6.74 5.03 -0.21
C SER A 252 7.37 4.37 -1.42
N VAL A 253 8.70 4.35 -1.41
CA VAL A 253 9.49 4.12 -2.61
C VAL A 253 10.45 2.92 -2.53
N LEU A 254 10.98 2.58 -1.35
CA LEU A 254 11.65 1.29 -1.16
C LEU A 254 10.59 0.18 -1.20
N HIS A 255 9.46 0.46 -0.57
CA HIS A 255 8.16 -0.15 -0.83
C HIS A 255 8.02 -0.64 -2.29
N ASP A 256 8.35 0.22 -3.25
CA ASP A 256 8.43 -0.16 -4.68
C ASP A 256 9.73 -0.92 -5.01
N TRP A 257 10.88 -0.40 -4.53
CA TRP A 257 12.22 -0.93 -4.86
C TRP A 257 12.55 -2.35 -4.39
N ASP A 258 13.74 -2.81 -4.80
CA ASP A 258 14.46 -3.94 -4.20
C ASP A 258 15.28 -3.43 -2.99
N ASP A 259 16.55 -3.86 -2.85
CA ASP A 259 17.39 -3.56 -1.68
C ASP A 259 18.64 -2.75 -2.05
N GLU A 260 19.44 -3.26 -2.99
CA GLU A 260 20.54 -2.48 -3.57
C GLU A 260 20.12 -1.71 -4.85
N GLN A 261 18.84 -1.82 -5.22
CA GLN A 261 18.21 -0.85 -6.11
C GLN A 261 18.07 0.47 -5.35
N CYS A 262 17.64 0.37 -4.09
CA CYS A 262 17.57 1.52 -3.18
C CYS A 262 18.90 2.24 -2.99
N VAL A 263 19.99 1.46 -2.90
CA VAL A 263 21.32 2.02 -2.69
C VAL A 263 21.77 2.90 -3.86
N GLU A 264 21.56 2.42 -5.10
CA GLU A 264 22.02 3.12 -6.31
C GLU A 264 21.11 4.26 -6.80
N VAL A 265 19.81 4.21 -6.48
CA VAL A 265 18.92 5.35 -6.71
C VAL A 265 19.24 6.48 -5.69
N LEU A 266 19.84 6.13 -4.54
CA LEU A 266 20.37 7.11 -3.58
C LEU A 266 21.85 7.45 -3.81
N ARG A 267 22.55 6.60 -4.57
CA ARG A 267 23.82 7.00 -5.17
C ARG A 267 23.56 8.13 -6.17
N THR A 268 22.47 8.02 -6.93
CA THR A 268 22.12 9.04 -7.94
C THR A 268 21.67 10.40 -7.37
N VAL A 269 21.50 10.50 -6.05
CA VAL A 269 21.17 11.79 -5.40
C VAL A 269 22.43 12.54 -4.95
N ARG A 270 23.21 11.96 -4.02
CA ARG A 270 24.35 12.69 -3.43
C ARG A 270 25.59 12.81 -4.32
N ARG A 271 25.63 12.11 -5.44
CA ARG A 271 26.68 12.36 -6.46
C ARG A 271 26.50 13.77 -7.10
N ALA A 272 25.29 14.33 -6.99
CA ALA A 272 25.05 15.78 -7.21
C ALA A 272 23.78 16.26 -6.49
N VAL A 273 23.78 16.07 -5.17
CA VAL A 273 22.91 16.80 -4.28
C VAL A 273 23.67 18.05 -3.87
N ARG A 274 22.95 19.14 -3.72
CA ARG A 274 23.46 20.34 -3.05
C ARG A 274 23.48 19.98 -1.56
N PRO A 275 24.68 19.85 -0.96
CA PRO A 275 24.74 19.42 0.44
C PRO A 275 24.20 20.48 1.41
N ASP A 276 24.32 20.22 2.71
CA ASP A 276 23.85 21.12 3.79
C ASP A 276 22.33 21.34 3.78
N SER A 277 21.60 20.40 3.17
CA SER A 277 20.14 20.45 3.08
C SER A 277 19.57 19.07 3.49
N ARG A 278 18.26 18.87 3.36
CA ARG A 278 17.58 17.70 3.94
C ARG A 278 16.98 16.74 2.91
N VAL A 279 17.28 15.44 3.09
CA VAL A 279 16.70 14.38 2.26
C VAL A 279 15.59 13.69 3.05
N ILE A 280 14.36 13.97 2.66
CA ILE A 280 13.18 13.35 3.22
C ILE A 280 12.88 12.08 2.43
N LEU A 281 12.51 11.02 3.14
CA LEU A 281 11.89 9.87 2.51
C LEU A 281 10.86 9.25 3.46
N VAL A 282 9.62 9.23 2.98
CA VAL A 282 8.48 8.71 3.75
C VAL A 282 8.28 7.26 3.33
N GLU A 283 8.12 6.39 4.33
CA GLU A 283 8.04 4.95 4.09
C GLU A 283 7.22 4.22 5.14
N SER A 284 6.83 3.00 4.79
CA SER A 284 6.47 1.99 5.76
C SER A 284 7.79 1.39 6.24
N LEU A 285 7.91 1.21 7.55
CA LEU A 285 9.10 0.59 8.14
C LEU A 285 8.79 -0.89 8.43
N MET A 286 9.63 -1.55 9.22
CA MET A 286 9.34 -2.88 9.76
C MET A 286 9.68 -2.84 11.25
N PRO A 287 8.78 -3.39 12.13
CA PRO A 287 8.95 -3.42 13.59
C PRO A 287 10.35 -3.76 14.12
N THR A 288 11.19 -2.74 14.17
CA THR A 288 12.37 -2.73 15.05
C THR A 288 11.95 -2.39 16.48
N THR A 289 10.74 -1.82 16.63
CA THR A 289 10.12 -1.62 17.95
C THR A 289 10.24 -2.91 18.77
N VAL A 290 9.50 -3.95 18.38
CA VAL A 290 9.85 -5.35 18.69
C VAL A 290 9.41 -6.27 17.53
N THR A 291 8.14 -6.71 17.52
CA THR A 291 7.60 -7.69 16.55
C THR A 291 6.07 -7.83 16.74
N THR A 292 5.65 -8.48 17.83
CA THR A 292 4.23 -8.68 18.20
C THR A 292 3.40 -9.55 17.25
N ALA A 293 2.15 -9.79 17.63
CA ALA A 293 1.12 -10.26 16.70
C ALA A 293 0.24 -9.08 16.21
N PRO A 294 -0.75 -8.61 17.02
CA PRO A 294 -1.87 -7.81 16.49
C PRO A 294 -1.43 -6.51 15.84
N SER A 295 -2.17 -6.09 14.81
CA SER A 295 -1.74 -5.03 13.88
C SER A 295 -0.43 -5.49 13.24
N VAL A 296 0.50 -4.58 12.92
CA VAL A 296 1.83 -4.95 12.36
C VAL A 296 1.66 -5.70 11.03
N ALA A 297 1.23 -6.96 11.11
CA ALA A 297 0.63 -7.75 10.02
C ALA A 297 0.83 -7.26 8.59
N GLN A 298 0.23 -6.11 8.27
CA GLN A 298 0.29 -5.49 6.93
C GLN A 298 1.72 -5.46 6.37
N VAL A 299 2.67 -5.01 7.19
CA VAL A 299 4.11 -5.01 6.85
C VAL A 299 4.59 -6.40 6.45
N VAL A 300 4.29 -7.37 7.32
CA VAL A 300 4.85 -8.72 7.20
C VAL A 300 4.39 -9.37 5.91
N MET A 301 3.07 -9.48 5.74
CA MET A 301 2.48 -10.15 4.56
C MET A 301 2.27 -9.24 3.35
N ASN A 302 2.78 -8.01 3.40
CA ASN A 302 3.04 -7.22 2.18
C ASN A 302 4.53 -7.32 1.75
N ASP A 303 5.41 -7.62 2.71
CA ASP A 303 6.81 -7.95 2.39
C ASP A 303 6.81 -9.16 1.46
N LEU A 304 6.16 -10.23 1.92
CA LEU A 304 6.07 -11.49 1.18
C LEU A 304 5.18 -11.37 -0.06
N ASN A 305 4.13 -10.54 0.03
CA ASN A 305 3.30 -10.21 -1.15
C ASN A 305 4.16 -9.63 -2.25
N MET A 306 5.00 -8.65 -1.90
CA MET A 306 5.90 -8.04 -2.87
C MET A 306 7.16 -8.86 -3.14
N MET A 307 7.46 -9.82 -2.26
CA MET A 307 8.41 -10.87 -2.58
C MET A 307 7.90 -11.76 -3.73
N VAL A 308 6.58 -11.80 -3.92
CA VAL A 308 5.95 -12.48 -5.06
C VAL A 308 5.45 -11.46 -6.09
N CYS A 309 4.43 -10.69 -5.71
CA CYS A 309 3.87 -9.65 -6.55
C CYS A 309 4.75 -8.40 -6.53
N HIS A 310 5.78 -8.44 -7.36
CA HIS A 310 6.66 -7.29 -7.68
C HIS A 310 7.49 -6.61 -6.56
N GLY A 311 8.75 -7.05 -6.44
CA GLY A 311 9.84 -6.24 -5.88
C GLY A 311 9.92 -5.99 -4.39
N GLY A 312 9.09 -5.05 -3.94
CA GLY A 312 9.06 -4.54 -2.56
C GLY A 312 9.50 -5.43 -1.41
N ARG A 313 10.38 -4.89 -0.57
CA ARG A 313 10.79 -5.55 0.67
C ARG A 313 10.82 -4.50 1.75
N GLU A 314 10.78 -4.93 3.01
CA GLU A 314 10.65 -3.98 4.12
C GLU A 314 11.87 -3.92 5.01
N ARG A 315 12.52 -2.76 4.98
CA ARG A 315 13.65 -2.47 5.83
C ARG A 315 13.14 -1.90 7.15
N THR A 316 13.89 -2.19 8.23
CA THR A 316 13.61 -1.62 9.55
C THR A 316 14.27 -0.24 9.68
N VAL A 317 14.44 0.24 10.92
CA VAL A 317 15.17 1.48 11.20
C VAL A 317 16.63 1.33 10.83
N ALA A 318 17.32 0.41 11.49
CA ALA A 318 18.78 0.24 11.29
C ALA A 318 19.15 -0.21 9.86
N GLU A 319 18.25 -0.94 9.20
CA GLU A 319 18.41 -1.31 7.80
C GLU A 319 18.26 -0.13 6.85
N PHE A 320 17.72 0.98 7.31
CA PHE A 320 17.81 2.26 6.59
C PHE A 320 19.07 3.04 6.98
N ARG A 321 19.47 2.99 8.25
CA ARG A 321 20.65 3.72 8.75
C ARG A 321 21.94 3.34 8.02
N GLU A 322 22.18 2.02 7.90
CA GLU A 322 23.35 1.50 7.18
C GLU A 322 23.19 1.64 5.66
N LEU A 323 21.98 1.41 5.15
CA LEU A 323 21.61 1.68 3.75
C LEU A 323 21.89 3.12 3.30
N LEU A 324 21.78 4.07 4.24
CA LEU A 324 22.10 5.49 3.99
C LEU A 324 23.58 5.79 4.23
N ARG A 325 24.15 5.29 5.33
CA ARG A 325 25.53 5.61 5.73
C ARG A 325 26.59 5.28 4.66
N VAL A 326 26.37 4.20 3.91
CA VAL A 326 27.22 3.85 2.76
C VAL A 326 26.78 4.54 1.46
N ALA A 327 25.46 4.73 1.28
CA ALA A 327 24.91 5.42 0.10
C ALA A 327 24.91 6.95 0.20
N GLY A 328 25.72 7.50 1.11
CA GLY A 328 25.99 8.92 1.17
C GLY A 328 24.91 9.74 1.86
N PHE A 329 24.38 9.24 2.98
CA PHE A 329 23.37 9.95 3.77
C PHE A 329 23.42 9.63 5.26
N ARG A 330 22.98 10.60 6.05
CA ARG A 330 23.45 10.76 7.43
C ARG A 330 22.31 10.85 8.45
N LEU A 331 21.45 9.83 8.44
CA LEU A 331 20.64 9.45 9.61
C LEU A 331 19.58 10.45 10.09
N GLU A 332 20.03 11.51 10.79
CA GLU A 332 19.19 12.44 11.60
C GLU A 332 17.94 11.79 12.28
N SER A 333 16.83 12.53 12.37
CA SER A 333 15.65 12.05 13.11
C SER A 333 14.76 11.15 12.25
N VAL A 334 13.95 10.35 12.93
CA VAL A 334 12.90 9.56 12.31
C VAL A 334 11.65 9.80 13.14
N THR A 335 10.49 9.68 12.50
CA THR A 335 9.21 9.98 13.13
C THR A 335 8.08 9.25 12.40
N PRO A 336 7.30 8.42 13.14
CA PRO A 336 6.21 7.67 12.53
C PRO A 336 4.83 8.36 12.53
N CYS A 337 3.86 7.66 11.96
CA CYS A 337 2.45 7.96 12.12
C CYS A 337 2.00 7.41 13.48
N PRO A 338 0.72 7.64 13.86
CA PRO A 338 0.18 6.98 15.07
C PRO A 338 0.13 5.44 15.00
N ALA A 339 -0.36 4.83 16.08
CA ALA A 339 -0.40 3.37 16.25
C ALA A 339 -1.11 2.57 15.12
N PRO A 340 -2.30 3.02 14.65
CA PRO A 340 -2.99 2.34 13.53
C PRO A 340 -2.16 1.96 12.28
N SER A 341 -1.08 2.69 12.01
CA SER A 341 -0.22 2.41 10.85
C SER A 341 1.24 2.22 11.23
N VAL A 342 2.04 1.94 10.20
CA VAL A 342 3.51 1.90 10.28
C VAL A 342 4.17 3.07 9.52
N VAL A 343 3.35 3.96 8.94
CA VAL A 343 3.83 5.08 8.11
C VAL A 343 4.89 5.86 8.90
N GLY A 344 6.06 5.99 8.30
CA GLY A 344 7.21 6.62 8.94
C GLY A 344 7.84 7.65 8.04
N ILE A 345 8.00 8.87 8.55
CA ILE A 345 8.75 9.90 7.85
C ILE A 345 10.19 9.78 8.34
N LEU A 346 11.03 9.17 7.53
CA LEU A 346 12.47 9.20 7.75
C LEU A 346 12.96 10.55 7.29
N GLU A 347 14.14 10.92 7.78
CA GLU A 347 14.73 12.21 7.45
C GLU A 347 16.22 12.20 7.84
N ALA A 348 17.07 12.01 6.84
CA ALA A 348 18.53 12.09 7.01
C ALA A 348 19.05 13.30 6.24
N ALA A 349 20.17 13.85 6.70
CA ALA A 349 20.65 15.16 6.25
C ALA A 349 21.30 15.10 4.87
#